data_2PFJ
#
_entry.id   2PFJ
#
_cell.length_a   92.977
_cell.length_b   92.977
_cell.length_c   124.265
_cell.angle_alpha   90.00
_cell.angle_beta   90.00
_cell.angle_gamma   120.00
#
_symmetry.space_group_name_H-M   'P 32 2 1'
#
loop_
_entity.id
_entity.type
_entity.pdbx_description
1 polymer 27-MER
2 polymer 27-MER
3 polymer 'Endodeoxyribonuclease 1'
4 non-polymer 'CALCIUM ION'
#
loop_
_entity_poly.entity_id
_entity_poly.type
_entity_poly.pdbx_seq_one_letter_code
_entity_poly.pdbx_strand_id
1 'polydeoxyribonucleotide'
;(DT)(DA)(DG)(DC)(DA)(DG)(DC)(DC)(DT)(DG)(DA)(DG)(DC)(DT)(DT)(DT)(DG)(DC)(DT)(DC)
(DA)(DA)(DC)(DT)(DC)(DA)(DA)(DC)(DT)
;
Z
2 'polydeoxyribonucleotide'
;(DA)(DG)(DT)(DT)(DG)(DA)(DG)(DT)(DC)(DC)(DT)(DT)(DG)(DT)(DT)(DT)(DC)(DA)(DA)(DG)
(DG)(DG)(DG)(DC)(DT)(DG)(DC)(DT)(DA)
;
Y
3 'polypeptide(L)'
;MAGYGAKGIRKVGAFRSGLEDKVSKQLESKGIKFEYEEWKVPYVIPASNHTYTPDFLLPNGIFVETAGLWESDDRKKHLL
IREQHPELDIRIVFSSSRTKLYKGSPTSYGEFCEKHGIKFADKLIPAEWIKEPKKEVPFDRLKRKGGKK
;
A,B
#
loop_
_chem_comp.id
_chem_comp.type
_chem_comp.name
_chem_comp.formula
CA non-polymer 'CALCIUM ION' 'Ca 2'
DA DNA linking 2'-DEOXYADENOSINE-5'-MONOPHOSPHATE 'C10 H14 N5 O6 P'
DC DNA linking 2'-DEOXYCYTIDINE-5'-MONOPHOSPHATE 'C9 H14 N3 O7 P'
DG DNA linking 2'-DEOXYGUANOSINE-5'-MONOPHOSPHATE 'C10 H14 N5 O7 P'
DT DNA linking THYMIDINE-5'-MONOPHOSPHATE 'C10 H15 N2 O8 P'
#
# COMPACT_ATOMS: atom_id res chain seq x y z
N SER C 17 -16.66 15.47 8.85
CA SER C 17 -15.34 15.42 9.54
C SER C 17 -14.85 16.82 9.93
N GLY C 18 -14.11 16.91 11.04
CA GLY C 18 -13.76 18.19 11.69
C GLY C 18 -13.57 19.43 10.84
N LEU C 19 -12.51 19.42 10.03
CA LEU C 19 -12.21 20.54 9.15
C LEU C 19 -13.25 20.65 8.05
N GLU C 20 -13.59 19.51 7.43
CA GLU C 20 -14.67 19.43 6.45
C GLU C 20 -15.99 20.08 6.92
N ASP C 21 -16.35 19.88 8.19
CA ASP C 21 -17.52 20.51 8.79
C ASP C 21 -17.30 22.01 8.86
N LYS C 22 -16.07 22.40 9.21
CA LYS C 22 -15.72 23.79 9.47
C LYS C 22 -15.53 24.61 8.21
N VAL C 23 -14.82 24.08 7.23
CA VAL C 23 -14.56 24.81 5.98
C VAL C 23 -15.81 24.90 5.12
N SER C 24 -16.72 23.94 5.29
CA SER C 24 -18.02 23.98 4.60
C SER C 24 -18.81 25.16 5.12
N LYS C 25 -18.85 25.28 6.44
CA LYS C 25 -19.51 26.38 7.12
C LYS C 25 -18.85 27.73 6.82
N GLN C 26 -17.52 27.73 6.81
CA GLN C 26 -16.75 28.95 6.51
C GLN C 26 -16.98 29.48 5.09
N LEU C 27 -17.26 28.60 4.15
CA LEU C 27 -17.52 29.02 2.77
C LEU C 27 -18.92 29.59 2.63
N GLU C 28 -19.91 28.84 3.12
CA GLU C 28 -21.31 29.28 3.12
C GLU C 28 -21.50 30.57 3.93
N SER C 29 -20.56 30.83 4.85
CA SER C 29 -20.49 32.08 5.59
C SER C 29 -20.22 33.29 4.68
N LYS C 30 -19.70 33.01 3.49
CA LYS C 30 -19.41 34.06 2.51
C LYS C 30 -20.27 33.97 1.23
N GLY C 31 -21.26 33.08 1.22
CA GLY C 31 -22.23 32.98 0.11
C GLY C 31 -21.76 32.16 -1.07
N ILE C 32 -20.46 31.86 -1.11
CA ILE C 32 -19.84 31.11 -2.19
C ILE C 32 -20.41 29.69 -2.27
N LYS C 33 -20.75 29.26 -3.48
CA LYS C 33 -21.21 27.90 -3.74
C LYS C 33 -20.05 26.97 -4.14
N PHE C 34 -19.64 26.12 -3.21
CA PHE C 34 -18.59 25.15 -3.47
C PHE C 34 -19.17 23.82 -3.96
N GLU C 35 -18.31 22.99 -4.56
CA GLU C 35 -18.68 21.62 -4.91
C GLU C 35 -17.93 20.61 -4.02
N TYR C 36 -18.68 19.85 -3.25
CA TYR C 36 -18.12 18.94 -2.26
C TYR C 36 -18.15 17.48 -2.74
N GLU C 37 -16.96 16.92 -2.95
CA GLU C 37 -16.78 15.51 -3.34
C GLU C 37 -17.57 15.06 -4.57
N GLU C 38 -17.73 15.94 -5.54
CA GLU C 38 -18.45 15.58 -6.76
C GLU C 38 -17.55 15.00 -7.83
N TRP C 39 -16.41 15.61 -8.04
CA TRP C 39 -15.48 15.20 -9.10
C TRP C 39 -14.30 14.34 -8.61
N LYS C 40 -14.04 13.25 -9.32
CA LYS C 40 -12.95 12.36 -8.98
C LYS C 40 -11.85 12.53 -10.03
N VAL C 41 -10.60 12.49 -9.58
CA VAL C 41 -9.48 12.65 -10.50
C VAL C 41 -8.78 11.31 -10.59
N PRO C 42 -8.75 10.73 -11.80
CA PRO C 42 -8.05 9.48 -12.03
C PRO C 42 -6.56 9.71 -12.18
N TYR C 43 -5.76 8.68 -11.87
CA TYR C 43 -4.31 8.74 -12.04
C TYR C 43 -3.72 7.33 -11.93
N VAL C 44 -2.50 7.18 -12.44
CA VAL C 44 -1.80 5.89 -12.42
C VAL C 44 -0.71 5.89 -11.36
N ILE C 45 -0.48 4.72 -10.76
CA ILE C 45 0.74 4.48 -10.01
C ILE C 45 1.66 3.63 -10.88
N PRO C 46 2.87 4.13 -11.18
CA PRO C 46 3.69 3.41 -12.15
C PRO C 46 4.17 2.09 -11.54
N ALA C 47 4.68 1.18 -12.37
CA ALA C 47 5.17 -0.09 -11.83
C ALA C 47 6.34 0.15 -10.84
N SER C 48 6.51 -0.76 -9.89
CA SER C 48 7.65 -0.70 -9.00
C SER C 48 8.23 -2.07 -8.58
N ASN C 49 9.53 -2.04 -8.26
CA ASN C 49 10.24 -3.21 -7.80
C ASN C 49 10.15 -3.40 -6.31
N HIS C 50 10.06 -4.65 -5.84
CA HIS C 50 10.04 -4.94 -4.39
C HIS C 50 10.75 -6.23 -4.17
N THR C 51 10.99 -6.60 -2.90
CA THR C 51 11.62 -7.90 -2.63
C THR C 51 10.96 -8.61 -1.47
N TYR C 52 10.76 -9.92 -1.62
CA TYR C 52 10.15 -10.76 -0.59
C TYR C 52 11.16 -11.73 -0.01
N THR C 53 11.14 -11.94 1.30
CA THR C 53 12.11 -12.82 1.94
C THR C 53 11.33 -13.94 2.61
N PRO C 54 11.29 -15.13 1.97
CA PRO C 54 10.54 -16.20 2.62
C PRO C 54 11.30 -16.65 3.86
N ASP C 55 10.57 -17.01 4.92
CA ASP C 55 11.15 -17.38 6.21
C ASP C 55 12.19 -18.52 6.21
N PHE C 56 12.02 -19.52 5.33
CA PHE C 56 12.78 -20.77 5.41
C PHE C 56 13.17 -21.42 4.08
N LEU C 57 14.42 -21.85 3.97
CA LEU C 57 14.84 -22.66 2.84
C LEU C 57 15.45 -23.96 3.29
N LEU C 58 14.66 -25.03 3.16
CA LEU C 58 15.09 -26.37 3.45
C LEU C 58 16.18 -26.78 2.46
N PRO C 59 16.92 -27.85 2.78
CA PRO C 59 17.91 -28.29 1.81
C PRO C 59 17.27 -28.99 0.61
N ASN C 60 16.00 -29.42 0.73
CA ASN C 60 15.21 -29.93 -0.40
C ASN C 60 15.14 -28.98 -1.58
N GLY C 61 15.29 -27.68 -1.29
CA GLY C 61 14.95 -26.60 -2.21
C GLY C 61 13.58 -25.98 -1.90
N ILE C 62 12.89 -26.47 -0.87
CA ILE C 62 11.56 -25.97 -0.53
C ILE C 62 11.61 -24.69 0.31
N PHE C 63 10.89 -23.66 -0.15
CA PHE C 63 10.77 -22.45 0.61
C PHE C 63 9.50 -22.54 1.46
N VAL C 64 9.64 -22.18 2.73
CA VAL C 64 8.50 -22.18 3.64
C VAL C 64 8.28 -20.80 4.22
N GLU C 65 7.07 -20.29 4.04
CA GLU C 65 6.65 -19.04 4.65
C GLU C 65 5.73 -19.40 5.80
N THR C 66 6.11 -18.98 7.00
CA THR C 66 5.27 -19.08 8.20
C THR C 66 4.43 -17.81 8.26
N ALA C 67 3.13 -18.00 8.38
CA ALA C 67 2.19 -16.91 8.25
C ALA C 67 1.16 -16.98 9.36
N GLY C 68 1.00 -15.87 10.07
CA GLY C 68 -0.03 -15.75 11.11
C GLY C 68 -1.21 -15.05 10.49
N LEU C 69 -1.23 -13.73 10.63
CA LEU C 69 -2.16 -12.90 9.93
C LEU C 69 -1.72 -12.88 8.45
N TRP C 70 -2.63 -13.22 7.53
CA TRP C 70 -2.29 -13.24 6.10
C TRP C 70 -3.27 -12.39 5.29
N GLU C 71 -2.85 -11.15 4.99
CA GLU C 71 -3.75 -10.17 4.37
C GLU C 71 -3.63 -10.03 2.85
N SER C 72 -4.43 -9.12 2.31
CA SER C 72 -4.61 -8.91 0.88
C SER C 72 -3.31 -8.69 0.12
N ASP C 73 -2.51 -7.73 0.56
CA ASP C 73 -1.22 -7.48 -0.03
C ASP C 73 -0.41 -8.77 -0.11
N ASP C 74 -0.31 -9.48 1.02
CA ASP C 74 0.52 -10.68 1.09
C ASP C 74 0.07 -11.74 0.10
N ARG C 75 -1.24 -11.92 -0.03
CA ARG C 75 -1.77 -12.87 -1.00
C ARG C 75 -1.25 -12.49 -2.36
N LYS C 76 -1.53 -11.26 -2.80
CA LYS C 76 -1.04 -10.77 -4.10
C LYS C 76 0.44 -11.05 -4.27
N LYS C 77 1.22 -10.82 -3.22
CA LYS C 77 2.65 -11.06 -3.26
C LYS C 77 2.94 -12.48 -3.74
N HIS C 78 2.43 -13.45 -2.99
CA HIS C 78 2.63 -14.86 -3.33
C HIS C 78 2.10 -15.16 -4.71
N LEU C 79 1.09 -14.45 -5.12
CA LEU C 79 0.58 -14.68 -6.45
C LEU C 79 1.47 -14.06 -7.52
N LEU C 80 2.00 -12.89 -7.25
CA LEU C 80 2.85 -12.24 -8.21
C LEU C 80 4.14 -13.02 -8.32
N ILE C 81 4.76 -13.33 -7.17
CA ILE C 81 6.00 -14.10 -7.14
C ILE C 81 5.85 -15.40 -7.92
N ARG C 82 4.74 -16.08 -7.71
CA ARG C 82 4.50 -17.30 -8.46
C ARG C 82 4.43 -17.09 -9.96
N GLU C 83 3.77 -16.03 -10.42
CA GLU C 83 3.73 -15.76 -11.85
C GLU C 83 5.15 -15.47 -12.34
N GLN C 84 5.91 -14.79 -11.48
CA GLN C 84 7.19 -14.18 -11.84
C GLN C 84 8.40 -15.08 -11.61
N HIS C 85 8.24 -16.13 -10.83
CA HIS C 85 9.36 -17.03 -10.58
C HIS C 85 8.85 -18.48 -10.55
N PRO C 86 8.40 -18.97 -11.71
CA PRO C 86 7.65 -20.23 -11.81
C PRO C 86 8.41 -21.42 -11.27
N GLU C 87 9.71 -21.27 -11.09
CA GLU C 87 10.54 -22.38 -10.63
C GLU C 87 10.55 -22.48 -9.09
N LEU C 88 10.20 -21.39 -8.42
CA LEU C 88 10.29 -21.39 -6.97
C LEU C 88 9.12 -22.15 -6.37
N ASP C 89 9.41 -23.02 -5.40
CA ASP C 89 8.36 -23.71 -4.62
C ASP C 89 8.22 -23.08 -3.22
N ILE C 90 7.26 -22.19 -3.08
CA ILE C 90 7.04 -21.50 -1.81
C ILE C 90 5.75 -21.97 -1.19
N ARG C 91 5.82 -22.53 0.00
CA ARG C 91 4.64 -23.12 0.63
C ARG C 91 4.40 -22.52 2.01
N ILE C 92 3.15 -22.50 2.46
CA ILE C 92 2.81 -21.77 3.67
C ILE C 92 2.43 -22.67 4.82
N VAL C 93 2.99 -22.36 5.99
CA VAL C 93 2.61 -23.01 7.22
C VAL C 93 1.81 -21.99 7.99
N PHE C 94 0.49 -22.16 7.99
CA PHE C 94 -0.39 -21.20 8.63
C PHE C 94 -0.46 -21.38 10.14
N SER C 95 -0.54 -20.25 10.84
CA SER C 95 -0.89 -20.26 12.25
C SER C 95 -2.22 -21.00 12.37
N SER C 96 -3.13 -20.69 11.45
CA SER C 96 -4.49 -21.24 11.47
C SER C 96 -5.23 -20.99 10.15
N SER C 97 -5.15 -21.94 9.23
CA SER C 97 -5.72 -21.79 7.87
C SER C 97 -7.23 -21.62 7.89
N ARG C 98 -7.77 -21.64 9.10
CA ARG C 98 -9.20 -21.48 9.31
C ARG C 98 -9.59 -20.01 9.24
N THR C 99 -8.62 -19.13 9.49
CA THR C 99 -8.89 -17.70 9.53
C THR C 99 -9.59 -17.25 8.24
N LYS C 100 -10.46 -16.25 8.35
CA LYS C 100 -11.17 -15.74 7.19
C LYS C 100 -10.44 -14.53 6.63
N LEU C 101 -10.49 -14.40 5.30
CA LEU C 101 -9.75 -13.36 4.57
C LEU C 101 -9.95 -11.97 5.13
N TYR C 102 -11.18 -11.70 5.57
CA TYR C 102 -11.60 -10.38 6.07
C TYR C 102 -12.95 -10.50 6.76
N LYS C 103 -13.35 -9.45 7.51
CA LYS C 103 -14.63 -9.43 8.24
C LYS C 103 -15.74 -10.19 7.55
N GLY C 104 -16.19 -11.27 8.18
CA GLY C 104 -17.26 -12.11 7.65
C GLY C 104 -17.12 -12.44 6.16
N SER C 105 -15.95 -12.95 5.77
CA SER C 105 -15.79 -13.59 4.47
C SER C 105 -16.17 -15.07 4.60
N PRO C 106 -16.80 -15.63 3.57
CA PRO C 106 -17.05 -17.08 3.56
C PRO C 106 -15.76 -17.90 3.41
N THR C 107 -14.71 -17.24 2.92
CA THR C 107 -13.45 -17.88 2.53
C THR C 107 -12.39 -17.90 3.63
N SER C 108 -11.80 -19.07 3.83
CA SER C 108 -10.66 -19.22 4.73
C SER C 108 -9.38 -19.10 3.91
N TYR C 109 -8.29 -18.69 4.57
CA TYR C 109 -6.96 -18.75 3.99
C TYR C 109 -6.81 -20.08 3.27
N GLY C 110 -7.25 -21.15 3.95
CA GLY C 110 -7.22 -22.50 3.40
C GLY C 110 -7.91 -22.57 2.05
N GLU C 111 -9.22 -22.32 2.05
CA GLU C 111 -10.03 -22.27 0.82
C GLU C 111 -9.28 -21.50 -0.30
N PHE C 112 -8.79 -20.31 0.01
CA PHE C 112 -8.09 -19.50 -0.97
C PHE C 112 -6.88 -20.21 -1.58
N CYS C 113 -6.11 -20.92 -0.75
CA CYS C 113 -4.84 -21.52 -1.17
C CYS C 113 -5.05 -22.62 -2.18
N GLU C 114 -5.97 -23.52 -1.85
CA GLU C 114 -6.29 -24.67 -2.68
C GLU C 114 -6.86 -24.21 -4.01
N LYS C 115 -7.68 -23.15 -3.95
CA LYS C 115 -8.33 -22.60 -5.13
C LYS C 115 -7.30 -21.95 -6.04
N HIS C 116 -6.12 -21.70 -5.48
CA HIS C 116 -5.05 -21.00 -6.20
C HIS C 116 -3.82 -21.83 -6.47
N GLY C 117 -3.78 -23.02 -5.91
CA GLY C 117 -2.68 -23.92 -6.19
C GLY C 117 -1.59 -23.83 -5.16
N ILE C 118 -1.82 -23.01 -4.14
CA ILE C 118 -0.84 -22.84 -3.07
C ILE C 118 -0.87 -24.01 -2.07
N LYS C 119 0.24 -24.75 -2.02
CA LYS C 119 0.43 -25.83 -1.05
C LYS C 119 0.60 -25.25 0.36
N PHE C 120 -0.22 -25.72 1.29
CA PHE C 120 -0.21 -25.20 2.64
C PHE C 120 -0.43 -26.31 3.68
N ALA C 121 -0.01 -26.05 4.90
CA ALA C 121 -0.20 -26.95 6.02
C ALA C 121 -0.44 -26.09 7.24
N ASP C 122 -0.76 -26.72 8.37
CA ASP C 122 -1.07 -25.98 9.57
C ASP C 122 -0.10 -26.16 10.74
N LYS C 123 0.24 -25.04 11.38
CA LYS C 123 1.12 -24.93 12.56
C LYS C 123 2.53 -25.56 12.53
N LEU C 124 2.73 -26.59 11.72
CA LEU C 124 4.01 -27.27 11.63
C LEU C 124 4.34 -27.64 10.20
N ILE C 125 5.63 -27.78 9.89
CA ILE C 125 6.07 -28.29 8.61
C ILE C 125 5.92 -29.81 8.58
N PRO C 126 5.00 -30.34 7.75
CA PRO C 126 4.78 -31.78 7.63
C PRO C 126 6.03 -32.55 7.23
N ALA C 127 6.03 -33.86 7.48
CA ALA C 127 7.20 -34.70 7.19
C ALA C 127 7.38 -34.92 5.70
N GLU C 128 6.28 -35.25 5.01
CA GLU C 128 6.28 -35.45 3.56
C GLU C 128 7.07 -34.35 2.88
N TRP C 129 6.77 -33.10 3.25
CA TRP C 129 7.47 -31.94 2.72
C TRP C 129 8.96 -32.13 2.81
N ILE C 130 9.48 -32.30 4.01
CA ILE C 130 10.92 -32.41 4.21
C ILE C 130 11.47 -33.67 3.56
N LYS C 131 10.63 -34.70 3.55
CA LYS C 131 10.96 -36.02 3.01
C LYS C 131 11.01 -36.02 1.46
N GLU C 132 10.59 -34.90 0.83
CA GLU C 132 10.55 -34.78 -0.62
C GLU C 132 11.96 -34.76 -1.24
N PRO C 133 12.08 -35.14 -2.52
CA PRO C 133 13.41 -35.20 -3.14
C PRO C 133 13.92 -33.84 -3.64
N LYS C 134 15.23 -33.73 -3.82
CA LYS C 134 15.88 -32.45 -4.08
C LYS C 134 15.52 -31.83 -5.43
N LYS C 135 15.35 -30.52 -5.43
CA LYS C 135 15.10 -29.73 -6.62
C LYS C 135 16.14 -28.62 -6.71
N GLU C 136 16.54 -28.31 -7.93
CA GLU C 136 17.44 -27.21 -8.20
C GLU C 136 16.71 -25.92 -7.88
N VAL C 137 17.39 -25.02 -7.17
CA VAL C 137 16.88 -23.69 -6.94
C VAL C 137 17.72 -22.70 -7.71
N PRO C 138 17.07 -21.75 -8.41
CA PRO C 138 17.77 -20.75 -9.19
C PRO C 138 18.21 -19.55 -8.38
N PHE C 139 19.31 -19.67 -7.64
CA PHE C 139 19.82 -18.59 -6.84
C PHE C 139 20.26 -17.48 -7.75
N ASP C 140 20.44 -17.87 -9.01
CA ASP C 140 20.59 -16.98 -10.14
C ASP C 140 19.59 -15.82 -10.18
N ARG C 141 18.34 -16.11 -9.83
CA ARG C 141 17.25 -15.17 -9.94
C ARG C 141 17.04 -14.42 -8.62
N LEU C 142 17.74 -14.85 -7.56
CA LEU C 142 17.50 -14.34 -6.20
C LEU C 142 18.64 -13.50 -5.70
N LYS C 143 18.46 -12.91 -4.51
CA LYS C 143 19.46 -12.04 -3.89
C LYS C 143 19.69 -12.42 -2.41
N ARG C 144 20.95 -12.54 -2.02
CA ARG C 144 21.32 -13.04 -0.71
C ARG C 144 21.31 -11.94 0.30
N LYS C 145 21.24 -12.33 1.58
CA LYS C 145 21.52 -11.45 2.72
C LYS C 145 20.21 -10.99 3.37
N ARG D 16 12.49 -13.81 14.89
CA ARG D 16 11.92 -14.30 16.17
C ARG D 16 10.43 -13.92 16.23
N SER D 17 9.58 -14.93 16.39
CA SER D 17 8.10 -14.81 16.37
C SER D 17 7.46 -16.21 16.54
N GLY D 18 6.28 -16.27 17.16
CA GLY D 18 5.61 -17.52 17.57
C GLY D 18 5.85 -18.80 16.77
N LEU D 19 5.30 -18.85 15.56
CA LEU D 19 5.48 -19.99 14.67
C LEU D 19 6.93 -20.13 14.26
N GLU D 20 7.55 -19.02 13.87
CA GLU D 20 8.98 -18.97 13.53
C GLU D 20 9.86 -19.61 14.60
N ASP D 21 9.53 -19.34 15.87
CA ASP D 21 10.24 -19.94 17.01
C ASP D 21 10.00 -21.42 17.00
N LYS D 22 8.75 -21.79 16.73
CA LYS D 22 8.30 -23.18 16.83
C LYS D 22 8.76 -24.08 15.67
N VAL D 23 8.65 -23.57 14.44
CA VAL D 23 9.03 -24.36 13.26
C VAL D 23 10.54 -24.47 13.14
N SER D 24 11.25 -23.51 13.71
CA SER D 24 12.71 -23.58 13.78
C SER D 24 13.11 -24.75 14.66
N LYS D 25 12.49 -24.82 15.84
CA LYS D 25 12.73 -25.88 16.80
C LYS D 25 12.26 -27.24 16.27
N GLN D 26 11.14 -27.24 15.55
CA GLN D 26 10.57 -28.45 14.96
C GLN D 26 11.47 -29.06 13.87
N LEU D 27 12.17 -28.21 13.12
CA LEU D 27 13.09 -28.71 12.12
C LEU D 27 14.34 -29.29 12.76
N GLU D 28 14.98 -28.50 13.63
CA GLU D 28 16.19 -28.93 14.34
C GLU D 28 15.93 -30.19 15.17
N SER D 29 14.67 -30.40 15.50
CA SER D 29 14.22 -31.61 16.18
C SER D 29 14.45 -32.86 15.31
N LYS D 30 14.63 -32.62 14.01
CA LYS D 30 14.82 -33.71 13.03
C LYS D 30 16.21 -33.70 12.37
N GLY D 31 17.09 -32.81 12.83
CA GLY D 31 18.47 -32.78 12.33
C GLY D 31 18.64 -31.98 11.04
N ILE D 32 17.53 -31.71 10.35
CA ILE D 32 17.55 -30.98 9.08
C ILE D 32 18.09 -29.56 9.24
N LYS D 33 19.00 -29.18 8.34
CA LYS D 33 19.58 -27.83 8.30
C LYS D 33 18.82 -26.90 7.35
N PHE D 34 18.04 -26.00 7.92
CA PHE D 34 17.26 -25.06 7.13
C PHE D 34 18.04 -23.76 6.96
N GLU D 35 17.65 -22.96 5.97
CA GLU D 35 18.16 -21.60 5.81
C GLU D 35 17.08 -20.57 6.17
N TYR D 36 17.37 -19.77 7.18
CA TYR D 36 16.42 -18.80 7.71
C TYR D 36 16.67 -17.37 7.23
N GLU D 37 15.72 -16.83 6.45
CA GLU D 37 15.75 -15.44 5.95
C GLU D 37 17.04 -15.04 5.21
N GLU D 38 17.69 -15.99 4.54
CA GLU D 38 18.93 -15.65 3.87
C GLU D 38 18.71 -15.09 2.46
N TRP D 39 17.80 -15.70 1.69
CA TRP D 39 17.58 -15.35 0.28
C TRP D 39 16.35 -14.50 0.10
N LYS D 40 16.46 -13.45 -0.69
CA LYS D 40 15.34 -12.57 -1.00
C LYS D 40 14.86 -12.75 -2.44
N VAL D 41 13.55 -12.77 -2.67
CA VAL D 41 13.03 -12.95 -4.00
C VAL D 41 12.48 -11.63 -4.50
N PRO D 42 13.11 -11.03 -5.55
CA PRO D 42 12.66 -9.79 -6.13
C PRO D 42 11.42 -10.03 -6.99
N TYR D 43 10.56 -9.01 -7.13
CA TYR D 43 9.37 -9.09 -8.03
C TYR D 43 8.77 -7.72 -8.29
N VAL D 44 7.98 -7.59 -9.35
CA VAL D 44 7.44 -6.29 -9.75
C VAL D 44 5.98 -6.20 -9.37
N ILE D 45 5.51 -5.01 -9.03
CA ILE D 45 4.07 -4.79 -9.01
C ILE D 45 3.72 -3.97 -10.26
N PRO D 46 2.75 -4.45 -11.07
CA PRO D 46 2.53 -3.80 -12.36
C PRO D 46 1.82 -2.49 -12.13
N ALA D 47 1.87 -1.61 -13.13
CA ALA D 47 1.22 -0.28 -13.00
C ALA D 47 -0.24 -0.47 -12.72
N SER D 48 -0.86 0.49 -12.05
CA SER D 48 -2.30 0.43 -11.83
C SER D 48 -3.01 1.79 -11.80
N ASN D 49 -4.29 1.75 -12.19
CA ASN D 49 -5.15 2.93 -12.19
C ASN D 49 -5.91 3.15 -10.88
N HIS D 50 -5.99 4.42 -10.47
CA HIS D 50 -6.66 4.82 -9.23
C HIS D 50 -7.38 6.14 -9.43
N THR D 51 -8.22 6.54 -8.47
CA THR D 51 -8.82 7.88 -8.54
C THR D 51 -8.79 8.65 -7.22
N TYR D 52 -8.52 9.94 -7.31
CA TYR D 52 -8.47 10.79 -6.16
C TYR D 52 -9.59 11.80 -6.23
N THR D 53 -10.26 12.03 -5.10
CA THR D 53 -11.39 12.96 -5.00
C THR D 53 -11.05 14.12 -4.06
N PRO D 54 -10.63 15.27 -4.63
CA PRO D 54 -10.29 16.40 -3.77
C PRO D 54 -11.55 16.94 -3.12
N ASP D 55 -11.43 17.35 -1.86
CA ASP D 55 -12.59 17.74 -1.03
C ASP D 55 -13.49 18.84 -1.62
N PHE D 56 -12.88 19.83 -2.27
CA PHE D 56 -13.60 21.07 -2.64
C PHE D 56 -13.24 21.63 -4.01
N LEU D 57 -14.25 22.05 -4.76
CA LEU D 57 -14.03 22.81 -5.98
C LEU D 57 -14.75 24.14 -5.94
N LEU D 58 -13.97 25.20 -5.72
CA LEU D 58 -14.46 26.57 -5.75
C LEU D 58 -14.90 26.93 -7.17
N PRO D 59 -15.71 27.99 -7.32
CA PRO D 59 -16.06 28.42 -8.68
C PRO D 59 -14.89 29.06 -9.44
N ASN D 60 -13.84 29.46 -8.71
CA ASN D 60 -12.58 29.94 -9.29
C ASN D 60 -11.97 28.93 -10.23
N GLY D 61 -12.20 27.65 -9.93
CA GLY D 61 -11.50 26.55 -10.56
C GLY D 61 -10.44 25.97 -9.64
N ILE D 62 -10.37 26.46 -8.40
CA ILE D 62 -9.39 25.96 -7.42
C ILE D 62 -9.91 24.73 -6.69
N PHE D 63 -9.09 23.69 -6.70
CA PHE D 63 -9.36 22.51 -5.91
C PHE D 63 -8.67 22.62 -4.55
N VAL D 64 -9.43 22.32 -3.50
CA VAL D 64 -8.91 22.37 -2.14
C VAL D 64 -9.03 21.01 -1.47
N GLU D 65 -7.91 20.54 -0.96
CA GLU D 65 -7.89 19.32 -0.19
C GLU D 65 -7.67 19.71 1.26
N THR D 66 -8.60 19.29 2.10
CA THR D 66 -8.44 19.46 3.54
C THR D 66 -7.77 18.22 4.05
N ALA D 67 -6.67 18.43 4.78
CA ALA D 67 -5.84 17.35 5.22
C ALA D 67 -5.55 17.47 6.70
N GLY D 68 -5.81 16.39 7.43
CA GLY D 68 -5.42 16.30 8.83
C GLY D 68 -4.07 15.63 8.82
N LEU D 69 -4.09 14.33 9.08
CA LEU D 69 -2.92 13.50 8.97
C LEU D 69 -2.64 13.32 7.48
N TRP D 70 -1.41 13.58 7.04
CA TRP D 70 -1.07 13.53 5.61
C TRP D 70 0.17 12.69 5.40
N GLU D 71 -0.03 11.41 5.13
CA GLU D 71 1.08 10.47 5.11
C GLU D 71 1.72 10.23 3.75
N SER D 72 2.65 9.28 3.73
CA SER D 72 3.50 9.00 2.58
C SER D 72 2.76 8.81 1.28
N ASP D 73 1.82 7.86 1.28
CA ASP D 73 1.03 7.60 0.09
C ASP D 73 0.40 8.87 -0.46
N ASP D 74 -0.21 9.63 0.45
CA ASP D 74 -0.95 10.81 0.07
C ASP D 74 -0.05 11.83 -0.61
N ARG D 75 1.14 12.03 -0.08
CA ARG D 75 2.12 12.95 -0.68
C ARG D 75 2.38 12.54 -2.12
N LYS D 76 2.70 11.26 -2.31
CA LYS D 76 2.96 10.71 -3.65
C LYS D 76 1.76 10.93 -4.56
N LYS D 77 0.57 10.71 -4.02
CA LYS D 77 -0.65 10.96 -4.76
C LYS D 77 -0.60 12.34 -5.37
N HIS D 78 -0.46 13.33 -4.49
CA HIS D 78 -0.52 14.71 -4.93
C HIS D 78 0.61 15.00 -5.90
N LEU D 79 1.70 14.28 -5.76
CA LEU D 79 2.84 14.51 -6.62
C LEU D 79 2.64 13.88 -7.98
N LEU D 80 1.99 12.72 -7.99
CA LEU D 80 1.70 12.00 -9.23
C LEU D 80 0.63 12.76 -10.01
N ILE D 81 -0.46 13.10 -9.33
CA ILE D 81 -1.54 13.83 -9.96
C ILE D 81 -0.99 15.09 -10.60
N ARG D 82 -0.13 15.82 -9.89
CA ARG D 82 0.49 17.02 -10.44
C ARG D 82 1.31 16.75 -11.70
N GLU D 83 1.99 15.61 -11.75
CA GLU D 83 2.75 15.23 -12.94
C GLU D 83 1.80 14.89 -14.07
N GLN D 84 0.69 14.27 -13.71
CA GLN D 84 -0.24 13.68 -14.67
C GLN D 84 -1.38 14.63 -15.10
N HIS D 85 -1.59 15.69 -14.34
CA HIS D 85 -2.64 16.65 -14.64
C HIS D 85 -2.13 18.06 -14.35
N PRO D 86 -1.19 18.56 -15.20
CA PRO D 86 -0.49 19.82 -14.99
C PRO D 86 -1.42 21.02 -14.96
N GLU D 87 -2.62 20.85 -15.48
CA GLU D 87 -3.58 21.93 -15.55
C GLU D 87 -4.34 22.13 -14.22
N LEU D 88 -4.44 21.07 -13.42
CA LEU D 88 -5.20 21.14 -12.17
C LEU D 88 -4.48 21.90 -11.05
N ASP D 89 -5.21 22.81 -10.41
CA ASP D 89 -4.68 23.55 -9.27
C ASP D 89 -5.30 23.00 -7.98
N ILE D 90 -4.53 22.13 -7.32
CA ILE D 90 -4.99 21.49 -6.08
C ILE D 90 -4.15 22.01 -4.92
N ARG D 91 -4.78 22.63 -3.94
CA ARG D 91 -4.04 23.20 -2.82
C ARG D 91 -4.56 22.68 -1.49
N ILE D 92 -3.70 22.72 -0.47
CA ILE D 92 -4.02 22.04 0.77
C ILE D 92 -4.21 22.98 1.93
N VAL D 93 -5.29 22.73 2.67
CA VAL D 93 -5.60 23.44 3.89
C VAL D 93 -5.32 22.46 5.01
N PHE D 94 -4.17 22.61 5.66
CA PHE D 94 -3.77 21.66 6.67
C PHE D 94 -4.44 21.91 8.00
N SER D 95 -4.75 20.83 8.71
CA SER D 95 -5.15 20.92 10.10
C SER D 95 -4.03 21.59 10.87
N SER D 96 -2.80 21.20 10.57
CA SER D 96 -1.60 21.77 11.20
C SER D 96 -0.35 21.45 10.40
N SER D 97 0.09 22.40 9.56
CA SER D 97 1.24 22.20 8.67
C SER D 97 2.54 22.07 9.46
N ARG D 98 2.41 22.14 10.78
CA ARG D 98 3.54 22.00 11.67
C ARG D 98 3.90 20.54 11.87
N THR D 99 2.93 19.66 11.69
CA THR D 99 3.10 18.22 11.82
C THR D 99 4.31 17.71 11.05
N LYS D 100 5.05 16.78 11.66
CA LYS D 100 6.21 16.17 11.02
C LYS D 100 5.81 14.96 10.19
N LEU D 101 6.50 14.75 9.07
CA LEU D 101 6.23 13.66 8.13
C LEU D 101 6.12 12.28 8.78
N TYR D 102 6.94 12.04 9.80
CA TYR D 102 7.02 10.77 10.49
C TYR D 102 7.85 10.92 11.75
N LYS D 103 7.81 9.92 12.64
CA LYS D 103 8.57 9.93 13.91
C LYS D 103 9.89 10.67 13.83
N GLY D 104 9.96 11.79 14.53
CA GLY D 104 11.17 12.60 14.56
C GLY D 104 11.80 12.84 13.21
N SER D 105 11.00 13.34 12.28
CA SER D 105 11.52 13.93 11.06
C SER D 105 11.79 15.41 11.31
N PRO D 106 12.86 15.94 10.72
CA PRO D 106 13.12 17.37 10.78
C PRO D 106 12.11 18.17 9.97
N THR D 107 11.42 17.49 9.05
CA THR D 107 10.54 18.12 8.06
C THR D 107 9.08 18.19 8.49
N SER D 108 8.48 19.38 8.34
CA SER D 108 7.05 19.54 8.54
C SER D 108 6.33 19.37 7.21
N TYR D 109 5.05 19.00 7.26
CA TYR D 109 4.22 19.01 6.06
C TYR D 109 4.48 20.31 5.29
N GLY D 110 4.55 21.42 6.04
CA GLY D 110 4.82 22.73 5.47
C GLY D 110 6.12 22.77 4.70
N GLU D 111 7.22 22.48 5.37
CA GLU D 111 8.52 22.41 4.72
C GLU D 111 8.43 21.61 3.40
N PHE D 112 7.80 20.43 3.45
CA PHE D 112 7.68 19.58 2.29
C PHE D 112 6.96 20.29 1.14
N CYS D 113 5.88 21.01 1.46
CA CYS D 113 5.01 21.63 0.46
C CYS D 113 5.72 22.69 -0.36
N GLU D 114 6.40 23.58 0.34
CA GLU D 114 7.11 24.69 -0.28
C GLU D 114 8.27 24.19 -1.12
N LYS D 115 8.94 23.16 -0.62
CA LYS D 115 10.10 22.59 -1.30
C LYS D 115 9.64 21.87 -2.57
N HIS D 116 8.34 21.58 -2.65
CA HIS D 116 7.78 20.88 -3.79
C HIS D 116 6.89 21.72 -4.70
N GLY D 117 6.55 22.92 -4.28
CA GLY D 117 5.72 23.82 -5.08
C GLY D 117 4.25 23.77 -4.73
N ILE D 118 3.92 22.98 -3.71
CA ILE D 118 2.55 22.81 -3.27
C ILE D 118 2.09 24.01 -2.46
N LYS D 119 1.12 24.75 -3.00
CA LYS D 119 0.48 25.86 -2.29
C LYS D 119 -0.37 25.35 -1.14
N PHE D 120 -0.10 25.85 0.06
CA PHE D 120 -0.81 25.42 1.25
C PHE D 120 -1.12 26.57 2.21
N ALA D 121 -2.10 26.35 3.07
CA ALA D 121 -2.46 27.28 4.14
C ALA D 121 -2.90 26.46 5.34
N ASP D 122 -3.20 27.14 6.44
CA ASP D 122 -3.54 26.44 7.69
C ASP D 122 -4.98 26.69 8.18
N LYS D 123 -5.61 25.60 8.61
CA LYS D 123 -6.98 25.54 9.17
C LYS D 123 -8.15 26.14 8.39
N LEU D 124 -7.89 27.13 7.54
CA LEU D 124 -8.94 27.84 6.82
C LEU D 124 -8.49 28.17 5.41
N ILE D 125 -9.44 28.22 4.47
CA ILE D 125 -9.16 28.70 3.13
C ILE D 125 -9.02 30.22 3.14
N PRO D 126 -7.80 30.71 2.83
CA PRO D 126 -7.52 32.16 2.79
C PRO D 126 -8.39 32.91 1.79
N ALA D 127 -8.51 34.22 1.98
CA ALA D 127 -9.34 35.04 1.10
C ALA D 127 -8.73 35.16 -0.29
N GLU D 128 -7.43 35.47 -0.35
CA GLU D 128 -6.72 35.67 -1.61
C GLU D 128 -7.07 34.55 -2.56
N TRP D 129 -7.04 33.33 -2.05
CA TRP D 129 -7.40 32.12 -2.78
C TRP D 129 -8.73 32.27 -3.49
N ILE D 130 -9.79 32.52 -2.72
CA ILE D 130 -11.14 32.65 -3.26
C ILE D 130 -11.27 33.89 -4.12
N LYS D 131 -10.48 34.90 -3.78
CA LYS D 131 -10.48 36.20 -4.46
C LYS D 131 -9.76 36.15 -5.81
N GLU D 132 -9.07 35.04 -6.08
CA GLU D 132 -8.33 34.86 -7.34
C GLU D 132 -9.26 34.80 -8.55
N PRO D 133 -8.72 35.09 -9.76
CA PRO D 133 -9.57 35.11 -10.96
C PRO D 133 -9.78 33.71 -11.56
N LYS D 134 -10.84 33.58 -12.37
CA LYS D 134 -11.29 32.28 -12.88
C LYS D 134 -10.31 31.61 -13.83
N LYS D 135 -10.19 30.29 -13.68
CA LYS D 135 -9.38 29.46 -14.56
C LYS D 135 -10.24 28.34 -15.16
N GLU D 136 -9.96 28.02 -16.41
CA GLU D 136 -10.62 26.90 -17.08
C GLU D 136 -10.21 25.61 -16.39
N VAL D 137 -11.19 24.77 -16.07
CA VAL D 137 -10.92 23.44 -15.55
C VAL D 137 -11.28 22.40 -16.62
N PRO D 138 -10.37 21.43 -16.88
CA PRO D 138 -10.61 20.40 -17.87
C PRO D 138 -11.39 19.20 -17.29
N PHE D 139 -12.71 19.38 -17.17
CA PHE D 139 -13.60 18.31 -16.70
C PHE D 139 -13.61 17.18 -17.72
N ASP D 140 -13.13 17.52 -18.91
CA ASP D 140 -12.72 16.59 -19.94
C ASP D 140 -11.83 15.45 -19.40
N ARG D 141 -10.90 15.80 -18.52
CA ARG D 141 -9.93 14.84 -18.01
C ARG D 141 -10.42 14.16 -16.73
N LEU D 142 -11.55 14.63 -16.20
CA LEU D 142 -12.05 14.18 -14.91
C LEU D 142 -13.30 13.31 -14.98
N LYS D 143 -13.70 12.75 -13.84
CA LYS D 143 -14.87 11.89 -13.74
C LYS D 143 -15.76 12.32 -12.58
N ARG D 144 -17.05 12.50 -12.87
CA ARG D 144 -18.04 12.99 -11.92
C ARG D 144 -18.60 11.91 -11.00
N LYS D 145 -19.20 12.37 -9.91
CA LYS D 145 -20.00 11.54 -9.00
C LYS D 145 -19.19 11.09 -7.78
CA CA E . -11.35 13.96 0.66
CA CA F . 9.19 -13.57 6.91
CA CA G . 6.50 -15.12 7.85
CA CA H . -9.30 15.52 2.67
#